data_5PWB
#
_entry.id   5PWB
#
_cell.length_a   56.595
_cell.length_b   56.180
_cell.length_c   101.488
_cell.angle_alpha   90.000
_cell.angle_beta   90.000
_cell.angle_gamma   90.000
#
_symmetry.space_group_name_H-M   'P 21 21 21'
#
loop_
_entity.id
_entity.type
_entity.pdbx_description
1 polymer 'Bromodomain-containing protein 1'
2 non-polymer 1,2-ETHANEDIOL
3 non-polymer 'SODIUM ION'
4 water water
#
_entity_poly.entity_id   1
_entity_poly.type   'polypeptide(L)'
_entity_poly.pdbx_seq_one_letter_code
;MHHHHHHSSGVDLGTENLYFQSMEQVAMELRLTELTRLLRSVLDQLQDKDPARIFAQPVSLKEVPDYLDHIKHPMDFATM
RKRLEAQGYKNLHEFEEDFDLIIDNCMKYNARDTVFYRAAVRLRDQGGVVLRQARREVDSIGLEEASGMHLPERPA
;
_entity_poly.pdbx_strand_id   A,B
#
loop_
_chem_comp.id
_chem_comp.type
_chem_comp.name
_chem_comp.formula
EDO non-polymer 1,2-ETHANEDIOL 'C2 H6 O2'
NA non-polymer 'SODIUM ION' 'Na 1'
#
# COMPACT_ATOMS: atom_id res chain seq x y z
N SER A 22 28.66 7.59 -23.30
CA SER A 22 29.36 8.41 -22.27
C SER A 22 29.86 7.52 -21.11
N MET A 23 30.82 8.05 -20.38
CA MET A 23 31.45 7.42 -19.23
CA MET A 23 31.44 7.40 -19.21
C MET A 23 30.62 7.76 -17.95
N GLU A 24 30.06 8.98 -17.86
CA GLU A 24 29.12 9.34 -16.74
C GLU A 24 27.86 8.44 -16.68
N GLN A 25 27.46 7.88 -17.84
CA GLN A 25 26.54 6.72 -17.89
C GLN A 25 27.15 5.40 -17.30
N VAL A 26 28.42 5.10 -17.62
CA VAL A 26 29.20 3.94 -17.02
C VAL A 26 29.18 3.91 -15.47
N ALA A 27 29.42 5.07 -14.83
CA ALA A 27 29.49 5.18 -13.35
C ALA A 27 28.12 5.11 -12.64
N MET A 28 27.07 5.51 -13.36
CA MET A 28 25.70 5.26 -12.90
C MET A 28 25.36 3.77 -12.86
N GLU A 29 25.87 3.05 -13.87
CA GLU A 29 25.69 1.59 -13.99
C GLU A 29 26.43 0.85 -12.90
N LEU A 30 27.75 1.02 -12.82
CA LEU A 30 28.59 0.45 -11.74
C LEU A 30 27.99 0.67 -10.31
N ARG A 31 27.43 1.87 -10.05
CA ARG A 31 26.73 2.18 -8.79
C ARG A 31 25.38 1.45 -8.63
N LEU A 32 24.67 1.22 -9.74
CA LEU A 32 23.49 0.35 -9.77
C LEU A 32 23.96 -1.08 -9.55
N THR A 33 24.82 -1.60 -10.43
CA THR A 33 25.41 -2.96 -10.28
C THR A 33 25.70 -3.31 -8.81
N GLU A 34 26.15 -2.33 -8.03
CA GLU A 34 26.49 -2.52 -6.60
C GLU A 34 25.34 -2.32 -5.59
N LEU A 35 24.28 -1.63 -5.99
CA LEU A 35 23.01 -1.74 -5.30
C LEU A 35 22.45 -3.15 -5.53
N THR A 36 22.37 -3.55 -6.80
CA THR A 36 21.94 -4.88 -7.23
C THR A 36 22.69 -6.03 -6.52
N ARG A 37 24.00 -5.86 -6.31
CA ARG A 37 24.78 -6.76 -5.48
C ARG A 37 24.22 -6.76 -4.07
N LEU A 38 24.05 -5.58 -3.48
CA LEU A 38 23.67 -5.48 -2.07
C LEU A 38 22.24 -5.99 -1.78
N LEU A 39 21.32 -5.74 -2.70
CA LEU A 39 19.93 -6.24 -2.58
C LEU A 39 19.88 -7.76 -2.66
N ARG A 40 20.73 -8.34 -3.52
CA ARG A 40 20.86 -9.80 -3.64
C ARG A 40 21.12 -10.45 -2.31
N SER A 41 22.04 -9.87 -1.54
CA SER A 41 22.33 -10.35 -0.20
C SER A 41 21.10 -10.23 0.70
N VAL A 42 20.40 -9.11 0.59
CA VAL A 42 19.29 -8.81 1.48
C VAL A 42 18.13 -9.78 1.25
N LEU A 43 17.84 -10.03 -0.03
CA LEU A 43 16.79 -10.95 -0.43
C LEU A 43 17.07 -12.38 0.06
N ASP A 44 18.34 -12.79 0.01
CA ASP A 44 18.72 -14.11 0.47
C ASP A 44 18.43 -14.22 1.96
N GLN A 45 18.82 -13.20 2.72
CA GLN A 45 18.51 -13.15 4.14
C GLN A 45 17.02 -13.14 4.45
N LEU A 46 16.26 -12.34 3.73
CA LEU A 46 14.80 -12.31 3.92
C LEU A 46 14.13 -13.69 3.61
N GLN A 47 14.61 -14.35 2.56
CA GLN A 47 14.02 -15.56 2.07
C GLN A 47 14.46 -16.74 2.92
N ASP A 48 15.59 -16.63 3.65
CA ASP A 48 15.86 -17.52 4.78
C ASP A 48 14.83 -17.33 5.91
N LYS A 49 14.11 -16.21 6.01
CA LYS A 49 13.09 -16.08 7.07
C LYS A 49 11.76 -16.76 6.65
N ASP A 50 11.76 -17.44 5.50
CA ASP A 50 10.58 -18.21 5.01
C ASP A 50 11.07 -19.65 4.80
N PRO A 51 11.49 -20.30 5.89
CA PRO A 51 11.93 -21.71 5.76
C PRO A 51 10.90 -22.65 5.09
N ALA A 52 9.61 -22.39 5.32
CA ALA A 52 8.53 -23.20 4.73
C ALA A 52 8.32 -22.96 3.24
N ARG A 53 8.87 -21.87 2.73
CA ARG A 53 8.76 -21.53 1.28
C ARG A 53 7.31 -21.19 0.88
N ILE A 54 6.57 -20.62 1.83
CA ILE A 54 5.18 -20.18 1.51
C ILE A 54 5.26 -19.00 0.50
N PHE A 55 6.34 -18.22 0.55
CA PHE A 55 6.45 -16.96 -0.21
C PHE A 55 7.36 -17.03 -1.47
N ALA A 56 7.92 -18.22 -1.70
CA ALA A 56 8.90 -18.53 -2.74
C ALA A 56 8.41 -18.23 -4.10
N GLN A 57 7.14 -18.53 -4.31
CA GLN A 57 6.55 -18.49 -5.65
C GLN A 57 5.18 -17.77 -5.69
N PRO A 58 4.78 -17.28 -6.88
CA PRO A 58 3.51 -16.54 -6.96
C PRO A 58 2.37 -17.47 -6.59
N VAL A 59 1.31 -16.95 -5.95
CA VAL A 59 0.10 -17.77 -5.68
C VAL A 59 -0.46 -18.27 -7.00
N SER A 60 -0.68 -19.60 -7.14
CA SER A 60 -1.10 -20.18 -8.40
C SER A 60 -2.55 -19.83 -8.75
N LEU A 61 -2.70 -19.28 -9.94
CA LEU A 61 -4.03 -18.92 -10.42
C LEU A 61 -4.86 -20.12 -10.81
N LYS A 62 -4.18 -21.24 -11.11
CA LYS A 62 -4.88 -22.50 -11.37
C LYS A 62 -5.50 -22.96 -10.08
N GLU A 63 -4.70 -22.94 -9.02
CA GLU A 63 -5.12 -23.39 -7.69
C GLU A 63 -6.07 -22.40 -7.02
N VAL A 64 -5.85 -21.09 -7.25
CA VAL A 64 -6.73 -20.03 -6.69
C VAL A 64 -7.16 -19.13 -7.86
N PRO A 65 -8.13 -19.60 -8.68
CA PRO A 65 -8.65 -18.77 -9.79
C PRO A 65 -9.26 -17.40 -9.40
N ASP A 66 -9.77 -17.20 -8.19
CA ASP A 66 -10.33 -15.85 -7.90
C ASP A 66 -9.29 -14.89 -7.29
N TYR A 67 -8.03 -15.35 -7.17
CA TYR A 67 -7.04 -14.60 -6.40
C TYR A 67 -6.99 -13.08 -6.74
N LEU A 68 -6.94 -12.78 -8.04
CA LEU A 68 -6.91 -11.39 -8.48
C LEU A 68 -8.18 -10.58 -8.19
N ASP A 69 -9.29 -11.23 -7.90
CA ASP A 69 -10.44 -10.48 -7.39
C ASP A 69 -10.13 -10.00 -5.98
N HIS A 70 -9.21 -10.70 -5.28
CA HIS A 70 -8.85 -10.29 -3.93
C HIS A 70 -7.62 -9.38 -3.89
N ILE A 71 -6.57 -9.74 -4.63
CA ILE A 71 -5.28 -9.10 -4.54
C ILE A 71 -4.87 -8.52 -5.91
N LYS A 72 -4.74 -7.20 -5.96
CA LYS A 72 -4.50 -6.52 -7.26
C LYS A 72 -3.03 -6.50 -7.59
N HIS A 73 -2.13 -6.50 -6.60
CA HIS A 73 -0.69 -6.51 -6.96
C HIS A 73 -0.07 -7.68 -6.21
N PRO A 74 -0.17 -8.90 -6.78
CA PRO A 74 0.50 -10.10 -6.20
C PRO A 74 1.98 -9.91 -6.18
N MET A 75 2.67 -10.52 -5.22
CA MET A 75 4.12 -10.48 -5.12
C MET A 75 4.62 -11.72 -4.37
N ASP A 76 5.86 -12.12 -4.69
CA ASP A 76 6.52 -13.33 -4.12
C ASP A 76 8.05 -13.18 -4.33
N PHE A 77 8.85 -13.99 -3.63
CA PHE A 77 10.33 -13.86 -3.75
C PHE A 77 10.96 -14.08 -5.16
N ALA A 78 10.46 -15.03 -5.93
CA ALA A 78 11.02 -15.38 -7.23
C ALA A 78 10.75 -14.28 -8.27
N THR A 79 9.61 -13.64 -8.14
CA THR A 79 9.22 -12.47 -8.95
C THR A 79 10.12 -11.29 -8.55
N MET A 80 10.42 -11.10 -7.28
CA MET A 80 11.37 -10.05 -6.84
C MET A 80 12.78 -10.32 -7.40
N ARG A 81 13.12 -11.60 -7.48
CA ARG A 81 14.41 -12.10 -7.94
C ARG A 81 14.60 -11.97 -9.46
N LYS A 82 13.55 -12.16 -10.27
CA LYS A 82 13.59 -11.88 -11.70
C LYS A 82 13.97 -10.40 -11.88
N ARG A 83 13.27 -9.54 -11.15
CA ARG A 83 13.42 -8.10 -11.25
C ARG A 83 14.74 -7.55 -10.68
N LEU A 84 15.31 -8.29 -9.74
CA LEU A 84 16.62 -7.99 -9.22
C LEU A 84 17.73 -8.34 -10.22
N GLU A 85 17.69 -9.53 -10.81
CA GLU A 85 18.71 -9.93 -11.79
C GLU A 85 18.54 -9.24 -13.15
N ALA A 86 17.41 -8.54 -13.35
CA ALA A 86 17.29 -7.55 -14.41
C ALA A 86 17.39 -6.12 -13.86
N GLN A 87 18.30 -5.89 -12.90
CA GLN A 87 18.63 -4.55 -12.34
C GLN A 87 17.48 -3.54 -12.25
N GLY A 88 16.31 -4.07 -11.92
CA GLY A 88 15.05 -3.32 -11.99
C GLY A 88 14.61 -2.61 -10.72
N TYR A 89 15.42 -2.61 -9.66
CA TYR A 89 15.12 -1.88 -8.41
C TYR A 89 16.05 -0.69 -8.34
N LYS A 90 15.51 0.50 -8.60
CA LYS A 90 16.32 1.71 -8.70
C LYS A 90 16.83 2.17 -7.34
N ASN A 91 16.09 1.87 -6.27
CA ASN A 91 16.53 2.16 -4.91
C ASN A 91 16.06 1.08 -3.92
N LEU A 92 16.27 1.28 -2.61
CA LEU A 92 15.88 0.30 -1.60
C LEU A 92 14.37 0.33 -1.36
N HIS A 93 13.81 1.54 -1.22
CA HIS A 93 12.36 1.75 -1.11
C HIS A 93 11.50 0.94 -2.11
N GLU A 94 11.90 0.90 -3.37
CA GLU A 94 11.22 0.11 -4.39
C GLU A 94 11.24 -1.42 -4.06
N PHE A 95 12.38 -1.89 -3.61
CA PHE A 95 12.56 -3.27 -3.08
C PHE A 95 11.70 -3.49 -1.79
N GLU A 96 11.78 -2.56 -0.86
CA GLU A 96 10.97 -2.60 0.41
C GLU A 96 9.44 -2.61 0.22
N GLU A 97 8.99 -1.85 -0.77
N GLU A 97 8.98 -1.91 -0.81
CA GLU A 97 7.61 -1.88 -1.24
CA GLU A 97 7.57 -1.91 -1.20
C GLU A 97 7.21 -3.30 -1.71
C GLU A 97 7.15 -3.27 -1.80
N ASP A 98 8.06 -3.94 -2.50
CA ASP A 98 7.72 -5.30 -3.05
C ASP A 98 7.61 -6.37 -1.92
N PHE A 99 8.39 -6.17 -0.87
CA PHE A 99 8.48 -7.13 0.21
C PHE A 99 7.23 -7.05 1.07
N ASP A 100 6.87 -5.82 1.38
CA ASP A 100 5.63 -5.50 2.04
C ASP A 100 4.39 -5.91 1.31
N LEU A 101 4.33 -5.76 -0.03
CA LEU A 101 3.29 -6.40 -0.86
C LEU A 101 3.09 -7.88 -0.48
N ILE A 102 4.17 -8.63 -0.46
CA ILE A 102 4.14 -10.05 -0.07
C ILE A 102 3.42 -10.22 1.27
N ILE A 103 3.85 -9.45 2.26
CA ILE A 103 3.32 -9.60 3.62
CA ILE A 103 3.33 -9.60 3.62
C ILE A 103 1.85 -9.18 3.72
N ASP A 104 1.58 -7.96 3.30
CA ASP A 104 0.28 -7.36 3.33
C ASP A 104 -0.83 -8.13 2.59
N ASN A 105 -0.52 -8.63 1.38
CA ASN A 105 -1.41 -9.48 0.54
C ASN A 105 -1.75 -10.70 1.36
N CYS A 106 -0.73 -11.38 1.83
CA CYS A 106 -0.94 -12.55 2.69
C CYS A 106 -1.94 -12.33 3.85
N MET A 107 -1.76 -11.21 4.56
CA MET A 107 -2.48 -10.94 5.79
C MET A 107 -3.90 -10.41 5.53
N LYS A 108 -4.18 -10.04 4.27
CA LYS A 108 -5.56 -9.77 3.85
CA LYS A 108 -5.54 -9.75 3.79
C LYS A 108 -6.20 -11.04 3.30
N TYR A 109 -5.50 -11.77 2.43
CA TYR A 109 -6.13 -12.92 1.77
C TYR A 109 -6.47 -13.98 2.79
N ASN A 110 -5.53 -14.21 3.71
CA ASN A 110 -5.63 -15.32 4.72
C ASN A 110 -6.10 -14.89 6.09
N ALA A 111 -6.98 -15.65 6.74
CA ALA A 111 -7.51 -15.28 8.14
C ALA A 111 -6.39 -15.34 9.18
N ARG A 112 -6.60 -14.65 10.30
CA ARG A 112 -5.64 -14.59 11.39
C ARG A 112 -5.18 -15.96 11.87
N ASP A 113 -6.12 -16.92 11.98
CA ASP A 113 -5.77 -18.25 12.57
C ASP A 113 -5.37 -19.19 11.43
N THR A 114 -4.40 -18.76 10.63
CA THR A 114 -3.89 -19.61 9.58
C THR A 114 -2.39 -19.67 9.58
N VAL A 115 -1.85 -20.81 9.16
CA VAL A 115 -0.39 -20.95 9.00
C VAL A 115 0.20 -19.86 8.11
N PHE A 116 -0.58 -19.46 7.11
CA PHE A 116 -0.15 -18.54 6.12
C PHE A 116 -0.01 -17.17 6.74
N TYR A 117 -1.06 -16.69 7.44
CA TYR A 117 -1.04 -15.37 8.06
C TYR A 117 0.02 -15.36 9.15
N ARG A 118 0.14 -16.44 9.94
CA ARG A 118 1.14 -16.51 11.01
C ARG A 118 2.53 -16.41 10.41
N ALA A 119 2.78 -17.03 9.26
CA ALA A 119 4.07 -16.90 8.60
C ALA A 119 4.40 -15.47 8.05
N ALA A 120 3.38 -14.71 7.58
CA ALA A 120 3.66 -13.34 7.14
C ALA A 120 4.05 -12.47 8.38
N VAL A 121 3.42 -12.79 9.51
CA VAL A 121 3.61 -12.02 10.73
C VAL A 121 5.04 -12.28 11.14
N ARG A 122 5.45 -13.56 11.07
CA ARG A 122 6.84 -13.93 11.40
C ARG A 122 7.92 -13.33 10.48
N LEU A 123 7.72 -13.42 9.17
CA LEU A 123 8.60 -12.80 8.19
C LEU A 123 8.74 -11.26 8.32
N ARG A 124 7.64 -10.59 8.53
CA ARG A 124 7.62 -9.15 8.83
CA ARG A 124 7.68 -9.15 8.79
C ARG A 124 8.48 -8.82 10.07
N ASP A 125 8.31 -9.57 11.15
CA ASP A 125 9.07 -9.24 12.38
C ASP A 125 10.58 -9.43 12.23
N GLN A 126 10.95 -10.57 11.68
CA GLN A 126 12.32 -10.95 11.48
C GLN A 126 13.00 -10.17 10.36
N GLY A 127 12.29 -9.95 9.26
CA GLY A 127 12.81 -9.19 8.13
C GLY A 127 13.06 -7.70 8.44
N GLY A 128 12.36 -7.18 9.45
CA GLY A 128 12.54 -5.80 9.95
C GLY A 128 13.92 -5.47 10.47
N VAL A 129 14.64 -6.50 10.92
CA VAL A 129 16.03 -6.40 11.38
C VAL A 129 17.08 -6.35 10.23
N VAL A 130 16.89 -7.25 9.27
CA VAL A 130 17.67 -7.28 8.04
C VAL A 130 17.56 -5.95 7.26
N LEU A 131 16.34 -5.39 7.24
CA LEU A 131 16.05 -4.17 6.47
C LEU A 131 16.54 -2.91 7.17
N ARG A 132 16.47 -2.92 8.50
CA ARG A 132 16.92 -1.81 9.32
C ARG A 132 18.44 -1.69 9.27
N GLN A 133 19.16 -2.78 8.97
CA GLN A 133 20.61 -2.68 8.77
C GLN A 133 20.92 -2.31 7.33
N ALA A 134 20.19 -2.94 6.41
CA ALA A 134 20.32 -2.67 4.97
C ALA A 134 20.09 -1.20 4.60
N ARG A 135 19.25 -0.50 5.37
CA ARG A 135 18.96 0.92 5.12
C ARG A 135 20.19 1.77 5.42
N ARG A 136 20.87 1.45 6.51
CA ARG A 136 22.11 2.13 6.88
C ARG A 136 23.25 1.91 5.86
N GLU A 137 23.34 0.72 5.28
CA GLU A 137 24.41 0.37 4.31
C GLU A 137 24.20 0.95 2.92
N VAL A 138 22.96 1.29 2.58
CA VAL A 138 22.62 2.03 1.35
C VAL A 138 23.04 3.50 1.49
N ASP A 139 22.71 4.08 2.64
CA ASP A 139 23.05 5.48 2.97
C ASP A 139 24.55 5.70 3.11
N SER A 140 25.17 4.90 3.98
CA SER A 140 26.63 4.82 4.10
C SER A 140 27.33 4.68 2.72
N ILE A 141 27.12 3.54 2.05
CA ILE A 141 27.77 3.28 0.74
C ILE A 141 27.27 4.15 -0.44
N GLY A 142 26.15 4.86 -0.27
CA GLY A 142 25.62 5.75 -1.29
C GLY A 142 24.82 4.98 -2.34
N SER B 22 2.08 38.13 -5.53
CA SER B 22 2.55 37.92 -6.90
C SER B 22 1.66 36.95 -7.68
N MET B 23 1.88 36.85 -9.00
CA MET B 23 1.17 35.79 -9.78
C MET B 23 1.57 34.38 -9.37
N GLU B 24 2.73 34.23 -8.70
CA GLU B 24 3.17 32.95 -8.18
C GLU B 24 2.35 32.48 -6.96
N GLN B 25 2.03 33.41 -6.03
CA GLN B 25 1.19 33.15 -4.90
C GLN B 25 -0.23 32.87 -5.31
N VAL B 26 -0.72 33.68 -6.24
CA VAL B 26 -2.09 33.49 -6.70
C VAL B 26 -2.31 32.10 -7.32
N ALA B 27 -1.34 31.69 -8.14
CA ALA B 27 -1.31 30.38 -8.78
C ALA B 27 -1.31 29.26 -7.73
N MET B 28 -0.53 29.43 -6.68
CA MET B 28 -0.37 28.39 -5.66
C MET B 28 -1.66 28.36 -4.86
N GLU B 29 -2.24 29.54 -4.59
CA GLU B 29 -3.46 29.58 -3.85
C GLU B 29 -4.54 28.94 -4.73
N LEU B 30 -4.64 29.26 -6.03
CA LEU B 30 -5.68 28.63 -6.87
C LEU B 30 -5.54 27.11 -6.98
N ARG B 31 -4.31 26.58 -7.07
CA ARG B 31 -4.10 25.13 -7.11
C ARG B 31 -4.57 24.48 -5.80
N LEU B 32 -4.22 25.07 -4.69
CA LEU B 32 -4.71 24.58 -3.41
C LEU B 32 -6.23 24.45 -3.34
N THR B 33 -6.94 25.50 -3.75
CA THR B 33 -8.38 25.55 -3.56
C THR B 33 -9.12 24.63 -4.58
N GLU B 34 -8.58 24.46 -5.76
CA GLU B 34 -9.08 23.50 -6.75
C GLU B 34 -8.77 22.05 -6.36
N LEU B 35 -7.59 21.78 -5.78
CA LEU B 35 -7.34 20.44 -5.24
C LEU B 35 -8.39 20.11 -4.20
N THR B 36 -8.72 21.13 -3.37
CA THR B 36 -9.56 20.94 -2.23
C THR B 36 -11.01 20.67 -2.65
N ARG B 37 -11.51 21.49 -3.59
CA ARG B 37 -12.79 21.26 -4.23
CA ARG B 37 -12.78 21.26 -4.24
C ARG B 37 -12.83 19.82 -4.78
N LEU B 38 -11.77 19.39 -5.48
CA LEU B 38 -11.82 18.03 -6.09
C LEU B 38 -11.89 16.89 -5.03
N LEU B 39 -11.03 16.98 -4.04
CA LEU B 39 -11.04 15.95 -2.94
C LEU B 39 -12.35 15.92 -2.19
N ARG B 40 -12.96 17.08 -2.04
CA ARG B 40 -14.20 17.17 -1.32
C ARG B 40 -15.30 16.42 -2.06
N SER B 41 -15.27 16.56 -3.36
CA SER B 41 -16.18 15.87 -4.25
C SER B 41 -15.94 14.38 -4.23
N VAL B 42 -14.67 13.98 -4.39
CA VAL B 42 -14.25 12.57 -4.27
C VAL B 42 -14.80 11.92 -2.99
N LEU B 43 -14.58 12.61 -1.88
CA LEU B 43 -14.93 12.10 -0.56
C LEU B 43 -16.46 11.96 -0.44
N ASP B 44 -17.23 12.92 -0.98
N ASP B 44 -17.22 12.91 -0.99
CA ASP B 44 -18.68 12.77 -0.93
CA ASP B 44 -18.67 12.81 -0.98
C ASP B 44 -19.11 11.56 -1.77
C ASP B 44 -19.14 11.60 -1.80
N GLN B 45 -18.55 11.43 -2.98
CA GLN B 45 -18.80 10.25 -3.81
C GLN B 45 -18.42 8.93 -3.09
N LEU B 46 -17.22 8.88 -2.53
CA LEU B 46 -16.84 7.70 -1.76
C LEU B 46 -17.81 7.43 -0.61
N GLN B 47 -18.11 8.43 0.22
CA GLN B 47 -19.00 8.13 1.38
C GLN B 47 -20.40 7.68 1.01
N ASP B 48 -20.94 8.25 -0.06
CA ASP B 48 -22.32 7.95 -0.46
CA ASP B 48 -22.30 7.98 -0.49
C ASP B 48 -22.49 6.49 -0.83
N LYS B 49 -21.40 5.80 -1.21
CA LYS B 49 -21.49 4.37 -1.53
C LYS B 49 -21.43 3.44 -0.28
N ASP B 50 -21.62 4.01 0.90
CA ASP B 50 -21.52 3.28 2.16
C ASP B 50 -22.66 3.84 3.03
N PRO B 51 -23.91 3.64 2.58
CA PRO B 51 -25.09 3.98 3.39
C PRO B 51 -25.18 3.13 4.65
N ALA B 52 -24.53 1.96 4.67
CA ALA B 52 -24.41 1.18 5.92
C ALA B 52 -23.49 1.81 6.97
N ARG B 53 -22.71 2.81 6.57
CA ARG B 53 -21.85 3.56 7.46
CA ARG B 53 -21.85 3.57 7.46
C ARG B 53 -20.83 2.66 8.14
N ILE B 54 -20.39 1.65 7.41
CA ILE B 54 -19.34 0.75 7.93
C ILE B 54 -17.96 1.46 8.07
N PHE B 55 -17.67 2.45 7.20
CA PHE B 55 -16.34 3.15 7.27
C PHE B 55 -16.41 4.61 7.68
N ALA B 56 -17.57 5.05 8.14
CA ALA B 56 -17.89 6.45 8.42
C ALA B 56 -17.13 7.03 9.61
N GLN B 57 -16.90 6.16 10.56
CA GLN B 57 -16.46 6.63 11.83
C GLN B 57 -15.44 5.61 12.32
N PRO B 58 -14.55 6.06 13.20
CA PRO B 58 -13.58 5.17 13.83
C PRO B 58 -14.30 3.96 14.44
N VAL B 59 -13.59 2.84 14.47
CA VAL B 59 -14.14 1.59 15.01
C VAL B 59 -14.20 1.71 16.54
N SER B 60 -15.39 1.52 17.12
CA SER B 60 -15.60 1.54 18.59
C SER B 60 -14.84 0.43 19.34
N LEU B 61 -13.92 0.80 20.21
CA LEU B 61 -13.22 -0.22 21.00
C LEU B 61 -14.19 -0.97 21.93
N LYS B 62 -15.23 -0.28 22.40
CA LYS B 62 -16.35 -0.94 23.08
C LYS B 62 -16.87 -2.13 22.28
N GLU B 63 -17.30 -1.90 21.02
CA GLU B 63 -17.80 -2.99 20.16
C GLU B 63 -16.72 -3.93 19.64
N VAL B 64 -15.47 -3.48 19.45
CA VAL B 64 -14.41 -4.33 18.87
C VAL B 64 -13.10 -4.12 19.62
N PRO B 65 -12.97 -4.73 20.83
CA PRO B 65 -11.82 -4.48 21.72
C PRO B 65 -10.49 -4.99 21.24
N ASP B 66 -10.52 -6.00 20.35
CA ASP B 66 -9.27 -6.58 19.81
C ASP B 66 -8.75 -5.82 18.54
N TYR B 67 -9.48 -4.78 18.14
CA TYR B 67 -9.19 -4.15 16.84
C TYR B 67 -7.73 -3.65 16.67
N LEU B 68 -7.25 -2.92 17.65
CA LEU B 68 -5.89 -2.34 17.63
C LEU B 68 -4.75 -3.27 18.00
N ASP B 69 -5.10 -4.51 18.33
CA ASP B 69 -4.13 -5.59 18.41
C ASP B 69 -3.48 -5.86 17.04
N HIS B 70 -4.32 -5.72 15.99
CA HIS B 70 -4.00 -6.10 14.63
C HIS B 70 -3.90 -4.94 13.70
N ILE B 71 -4.66 -3.85 13.94
CA ILE B 71 -4.64 -2.65 13.07
C ILE B 71 -3.89 -1.49 13.69
N LYS B 72 -2.72 -1.21 13.15
CA LYS B 72 -1.81 -0.19 13.67
C LYS B 72 -2.14 1.24 13.27
N HIS B 73 -2.80 1.40 12.10
CA HIS B 73 -3.03 2.72 11.55
C HIS B 73 -4.45 2.81 11.08
N PRO B 74 -5.38 2.97 12.06
CA PRO B 74 -6.80 2.96 11.72
C PRO B 74 -7.15 4.13 10.87
N MET B 75 -8.22 3.98 10.10
CA MET B 75 -8.68 5.10 9.31
C MET B 75 -10.14 4.89 8.97
N ASP B 76 -10.78 6.02 8.65
CA ASP B 76 -12.21 6.12 8.41
C ASP B 76 -12.52 7.49 7.80
N PHE B 77 -13.72 7.61 7.23
CA PHE B 77 -14.03 8.75 6.39
C PHE B 77 -14.15 10.05 7.21
N ALA B 78 -14.54 9.95 8.48
CA ALA B 78 -14.68 11.22 9.28
C ALA B 78 -13.29 11.78 9.54
N THR B 79 -12.35 10.92 9.89
CA THR B 79 -10.95 11.32 10.03
C THR B 79 -10.38 11.88 8.68
N MET B 80 -10.79 11.32 7.54
CA MET B 80 -10.34 11.90 6.26
C MET B 80 -10.90 13.30 6.11
N ARG B 81 -12.19 13.43 6.39
CA ARG B 81 -12.88 14.74 6.25
C ARG B 81 -12.26 15.80 7.12
N LYS B 82 -11.94 15.41 8.34
CA LYS B 82 -11.27 16.32 9.26
C LYS B 82 -9.93 16.81 8.69
N ARG B 83 -9.11 15.88 8.20
CA ARG B 83 -7.79 16.25 7.64
C ARG B 83 -7.92 17.08 6.35
N LEU B 84 -8.93 16.71 5.54
CA LEU B 84 -9.25 17.52 4.36
C LEU B 84 -9.58 18.99 4.69
N GLU B 85 -10.53 19.18 5.59
CA GLU B 85 -11.00 20.52 5.91
C GLU B 85 -9.97 21.42 6.57
N ALA B 86 -8.99 20.78 7.22
CA ALA B 86 -7.84 21.44 7.83
C ALA B 86 -6.64 21.66 6.92
N GLN B 87 -6.80 21.36 5.64
CA GLN B 87 -5.79 21.59 4.65
C GLN B 87 -4.58 20.64 4.79
N GLY B 88 -4.88 19.39 5.09
CA GLY B 88 -3.85 18.38 5.46
C GLY B 88 -3.56 17.38 4.36
N TYR B 89 -4.31 17.42 3.26
CA TYR B 89 -3.84 16.75 2.04
C TYR B 89 -3.11 17.70 1.07
N LYS B 90 -1.80 17.48 0.91
CA LYS B 90 -0.93 18.26 -0.01
C LYS B 90 -1.28 17.93 -1.46
N ASN B 91 -1.70 16.67 -1.68
CA ASN B 91 -1.86 16.13 -3.03
C ASN B 91 -2.89 15.00 -3.03
N LEU B 92 -3.19 14.53 -4.23
CA LEU B 92 -4.10 13.47 -4.42
C LEU B 92 -3.56 12.15 -3.83
N HIS B 93 -2.25 11.97 -3.86
CA HIS B 93 -1.64 10.73 -3.35
C HIS B 93 -1.83 10.59 -1.87
N GLU B 94 -1.56 11.65 -1.10
CA GLU B 94 -1.86 11.59 0.33
C GLU B 94 -3.28 11.06 0.64
N PHE B 95 -4.25 11.44 -0.18
CA PHE B 95 -5.69 11.13 0.05
C PHE B 95 -5.96 9.69 -0.28
N GLU B 96 -5.52 9.32 -1.48
CA GLU B 96 -5.56 7.92 -1.88
CA GLU B 96 -5.51 7.91 -1.92
C GLU B 96 -5.00 6.98 -0.82
N GLU B 97 -3.88 7.36 -0.21
CA GLU B 97 -3.23 6.51 0.78
C GLU B 97 -4.15 6.29 1.98
N ASP B 98 -4.90 7.31 2.42
CA ASP B 98 -5.82 7.12 3.57
C ASP B 98 -7.04 6.27 3.16
N PHE B 99 -7.46 6.41 1.91
CA PHE B 99 -8.58 5.59 1.40
C PHE B 99 -8.11 4.12 1.34
N ASP B 100 -6.92 3.92 0.78
CA ASP B 100 -6.33 2.56 0.77
C ASP B 100 -6.26 2.00 2.20
N LEU B 101 -5.84 2.82 3.16
CA LEU B 101 -5.90 2.38 4.59
C LEU B 101 -7.22 1.83 5.05
N ILE B 102 -8.29 2.48 4.61
CA ILE B 102 -9.65 2.10 5.01
C ILE B 102 -9.88 0.70 4.48
N ILE B 103 -9.52 0.48 3.24
CA ILE B 103 -9.79 -0.76 2.48
C ILE B 103 -8.91 -1.88 3.04
N ASP B 104 -7.62 -1.71 2.96
CA ASP B 104 -6.64 -2.66 3.60
C ASP B 104 -6.93 -3.09 5.03
N ASN B 105 -7.24 -2.11 5.89
CA ASN B 105 -7.51 -2.46 7.28
C ASN B 105 -8.67 -3.38 7.45
N CYS B 106 -9.75 -3.04 6.78
CA CYS B 106 -10.93 -3.91 6.76
C CYS B 106 -10.60 -5.33 6.24
N MET B 107 -9.86 -5.35 5.15
CA MET B 107 -9.56 -6.58 4.46
C MET B 107 -8.58 -7.39 5.29
N LYS B 108 -7.73 -6.69 6.06
CA LYS B 108 -6.77 -7.32 6.94
CA LYS B 108 -6.77 -7.32 6.96
C LYS B 108 -7.43 -7.90 8.20
N TYR B 109 -8.44 -7.20 8.72
CA TYR B 109 -9.05 -7.61 9.95
C TYR B 109 -10.09 -8.70 9.77
N ASN B 110 -10.93 -8.60 8.74
CA ASN B 110 -12.08 -9.50 8.59
C ASN B 110 -11.70 -10.67 7.68
N ALA B 111 -12.31 -11.85 7.85
CA ALA B 111 -11.98 -13.00 7.05
C ALA B 111 -12.56 -12.78 5.66
N ARG B 112 -12.13 -13.55 4.63
CA ARG B 112 -12.74 -13.21 3.30
C ARG B 112 -14.21 -13.48 3.15
N ASP B 113 -14.72 -14.51 3.82
CA ASP B 113 -16.15 -14.88 3.68
C ASP B 113 -16.92 -14.18 4.81
N THR B 114 -16.89 -12.84 4.77
CA THR B 114 -17.62 -11.94 5.68
C THR B 114 -18.18 -10.73 4.95
N VAL B 115 -19.33 -10.21 5.44
CA VAL B 115 -20.06 -9.12 4.80
C VAL B 115 -19.20 -7.88 4.82
N PHE B 116 -18.39 -7.70 5.87
CA PHE B 116 -17.51 -6.50 5.95
C PHE B 116 -16.29 -6.61 4.96
N TYR B 117 -15.79 -7.80 4.71
CA TYR B 117 -14.66 -7.93 3.81
C TYR B 117 -15.18 -7.59 2.38
N ARG B 118 -16.32 -8.20 2.06
CA ARG B 118 -16.94 -7.96 0.76
C ARG B 118 -17.28 -6.52 0.58
N ALA B 119 -17.78 -5.85 1.61
CA ALA B 119 -18.03 -4.40 1.50
C ALA B 119 -16.76 -3.66 1.05
N ALA B 120 -15.63 -4.04 1.67
CA ALA B 120 -14.38 -3.37 1.37
C ALA B 120 -13.96 -3.60 -0.07
N VAL B 121 -14.14 -4.85 -0.56
CA VAL B 121 -13.81 -5.19 -1.95
C VAL B 121 -14.73 -4.38 -2.91
N ARG B 122 -16.02 -4.41 -2.63
CA ARG B 122 -16.97 -3.49 -3.33
C ARG B 122 -16.43 -2.07 -3.44
N LEU B 123 -16.21 -1.44 -2.29
CA LEU B 123 -15.84 -0.03 -2.26
C LEU B 123 -14.46 0.23 -2.89
N ARG B 124 -13.51 -0.70 -2.74
CA ARG B 124 -12.18 -0.54 -3.38
C ARG B 124 -12.33 -0.50 -4.89
N ASP B 125 -13.13 -1.39 -5.44
CA ASP B 125 -13.43 -1.42 -6.90
C ASP B 125 -14.09 -0.10 -7.27
N GLN B 126 -15.19 0.22 -6.61
CA GLN B 126 -15.94 1.44 -6.94
C GLN B 126 -15.06 2.71 -6.72
N GLY B 127 -14.18 2.68 -5.75
CA GLY B 127 -13.33 3.83 -5.42
C GLY B 127 -12.22 4.04 -6.46
N GLY B 128 -11.77 2.94 -7.04
CA GLY B 128 -10.61 2.95 -7.91
C GLY B 128 -11.03 3.71 -9.16
N VAL B 129 -12.28 3.49 -9.54
CA VAL B 129 -12.83 4.13 -10.68
C VAL B 129 -12.97 5.64 -10.44
N VAL B 130 -13.56 5.99 -9.30
CA VAL B 130 -13.67 7.40 -8.91
C VAL B 130 -12.29 8.07 -8.87
N LEU B 131 -11.32 7.36 -8.32
CA LEU B 131 -9.98 7.90 -8.12
C LEU B 131 -9.19 8.06 -9.43
N ARG B 132 -9.38 7.13 -10.36
CA ARG B 132 -8.62 7.18 -11.64
C ARG B 132 -9.09 8.41 -12.41
N GLN B 133 -10.36 8.73 -12.26
CA GLN B 133 -10.96 9.93 -12.85
C GLN B 133 -10.46 11.20 -12.18
N ALA B 134 -10.24 11.06 -10.86
CA ALA B 134 -9.61 12.12 -10.03
C ALA B 134 -8.23 12.43 -10.60
N ARG B 135 -7.51 11.39 -11.04
CA ARG B 135 -6.16 11.62 -11.56
C ARG B 135 -6.20 12.31 -12.89
N ARG B 136 -7.15 11.94 -13.75
CA ARG B 136 -7.26 12.63 -15.04
C ARG B 136 -7.57 14.10 -14.79
N GLU B 137 -8.46 14.38 -13.82
CA GLU B 137 -8.80 15.76 -13.47
C GLU B 137 -7.62 16.56 -12.93
N VAL B 138 -6.76 15.87 -12.18
CA VAL B 138 -5.57 16.54 -11.61
C VAL B 138 -4.69 16.97 -12.75
N ASP B 139 -4.46 16.04 -13.69
CA ASP B 139 -3.66 16.32 -14.92
C ASP B 139 -4.33 17.39 -15.78
N SER B 140 -5.66 17.33 -15.97
CA SER B 140 -6.35 18.32 -16.82
C SER B 140 -6.27 19.77 -16.19
N ILE B 141 -6.76 19.91 -14.97
CA ILE B 141 -6.73 21.16 -14.21
C ILE B 141 -5.30 21.68 -13.98
N GLY B 142 -4.43 20.74 -13.69
CA GLY B 142 -3.01 21.02 -13.59
C GLY B 142 -2.61 21.35 -12.17
N LEU B 143 -3.02 20.49 -11.26
CA LEU B 143 -2.73 20.63 -9.86
C LEU B 143 -1.36 20.07 -9.47
N GLU B 144 -0.60 19.47 -10.38
CA GLU B 144 0.81 19.14 -10.10
C GLU B 144 1.80 19.71 -11.14
C1 EDO C . -2.70 -17.85 -1.01
O1 EDO C . -2.34 -16.71 -0.19
C2 EDO C . -2.80 -19.19 -0.25
O2 EDO C . -3.58 -19.10 0.94
C1 EDO D . 0.35 -16.53 1.23
C1 EDO D . 0.50 -17.27 0.85
O1 EDO D . -0.31 -17.79 1.12
O1 EDO D . 0.55 -18.45 0.02
C2 EDO D . 1.05 -16.20 -0.07
C2 EDO D . 0.71 -16.04 0.00
O2 EDO D . 1.13 -17.39 -0.85
O2 EDO D . 0.05 -14.92 0.58
NA NA E . -8.83 -11.01 5.61
C1 EDO F . -14.10 -3.33 9.28
O1 EDO F . -13.58 -4.17 10.29
C2 EDO F . -14.46 -1.97 9.82
O2 EDO F . -13.72 -0.98 9.11
C1 EDO G . -4.43 9.06 -8.23
O1 EDO G . -3.31 9.20 -7.33
C2 EDO G . -4.34 7.80 -9.09
O2 EDO G . -3.04 7.75 -9.69
#